data_5WZX
#
_entry.id   5WZX
#
_cell.length_a   74.561
_cell.length_b   86.075
_cell.length_c   177.300
_cell.angle_alpha   90.000
_cell.angle_beta   90.000
_cell.angle_gamma   90.000
#
_symmetry.space_group_name_H-M   'C 2 2 21'
#
loop_
_entity.id
_entity.type
_entity.pdbx_description
1 polymer 'Bile acid receptor'
2 polymer 'SRC2-3 peptide from Nuclear receptor coactivator 2'
3 non-polymer '(4aR,6aR,6aS,6bS,8aS,9R,12aR,14bR)-2,2,6a,6b,9,12a-hexamethyl-10-oxidanylidene-1,3,4,5,6,6a,7,8,8a,9,11,12,13,14b-tetradecahydropicene-4a-carboxylic acid'
4 non-polymer (R,R)-2,3-BUTANEDIOL
5 water water
#
loop_
_entity_poly.entity_id
_entity_poly.type
_entity_poly.pdbx_seq_one_letter_code
_entity_poly.pdbx_strand_id
1 'polypeptide(L)'
;ELTPDQQTLLHFIMDSYNKQRMPQEITNKILKEEFSAEENFLILTEMATNHVQVLVEFTKKLPGFQTLDHEDQIALLKGS
AVEAMFLRSAEIFNKKLPSGHSDLLEERIRNSGISDEYITPMFSFYKSIGELKMTQEEYALLTAIVILSPDRQYIKDREA
VEKLQEPLLDVLQKLCKIHQPENPQHFACLLGRLTELRTFNHHHAEMLMSWRVNDHKFTPLLCEIWDV
;
A,B
2 'polypeptide(L)' ENALLRYLLDKD C,D
#
# COMPACT_ATOMS: atom_id res chain seq x y z
N GLU A 1 11.67 14.96 19.45
CA GLU A 1 11.01 14.37 18.24
C GLU A 1 9.50 14.33 18.46
N LEU A 2 9.08 13.61 19.49
CA LEU A 2 7.69 13.24 19.66
C LEU A 2 6.96 14.21 20.57
N THR A 3 6.09 15.05 20.00
CA THR A 3 5.40 16.10 20.78
C THR A 3 4.32 16.86 19.99
N PRO A 4 3.40 17.56 20.65
CA PRO A 4 2.98 17.39 22.06
C PRO A 4 1.67 16.65 22.04
N ASP A 5 0.88 16.90 20.99
CA ASP A 5 -0.31 16.15 20.66
C ASP A 5 0.05 14.76 20.16
N GLN A 6 1.32 14.54 19.79
CA GLN A 6 1.77 13.22 19.35
C GLN A 6 2.21 12.33 20.50
N GLN A 7 2.23 12.86 21.72
CA GLN A 7 2.37 12.05 22.94
C GLN A 7 1.00 11.67 23.52
N THR A 8 0.09 12.65 23.58
CA THR A 8 -1.31 12.41 24.00
C THR A 8 -1.99 11.34 23.11
N LEU A 9 -1.69 11.37 21.80
CA LEU A 9 -2.21 10.39 20.86
C LEU A 9 -1.65 8.97 21.06
N LEU A 10 -0.33 8.85 21.08
CA LEU A 10 0.30 7.56 21.29
C LEU A 10 -0.17 6.94 22.60
N HIS A 11 -0.17 7.76 23.66
CA HIS A 11 -0.66 7.35 24.97
C HIS A 11 -2.07 6.76 24.82
N PHE A 12 -2.99 7.57 24.31
CA PHE A 12 -4.41 7.20 24.14
C PHE A 12 -4.65 5.91 23.35
N ILE A 13 -3.74 5.64 22.41
CA ILE A 13 -3.78 4.43 21.59
C ILE A 13 -3.21 3.28 22.38
N MET A 14 -2.00 3.46 22.89
CA MET A 14 -1.42 2.45 23.75
C MET A 14 -2.38 2.00 24.84
N ASP A 15 -3.10 2.97 25.42
CA ASP A 15 -4.10 2.74 26.46
C ASP A 15 -5.17 1.76 26.00
N SER A 16 -5.85 2.14 24.91
CA SER A 16 -6.87 1.30 24.25
C SER A 16 -6.30 -0.05 23.77
N TYR A 17 -5.20 0.01 23.02
CA TYR A 17 -4.56 -1.21 22.53
C TYR A 17 -4.29 -2.19 23.64
N ASN A 18 -3.90 -1.67 24.80
CA ASN A 18 -3.52 -2.51 25.93
C ASN A 18 -4.66 -3.07 26.76
N LYS A 19 -5.83 -2.43 26.75
CA LYS A 19 -6.94 -2.94 27.56
C LYS A 19 -7.80 -3.98 26.84
N GLN A 20 -7.27 -4.59 25.78
CA GLN A 20 -7.78 -5.87 25.31
C GLN A 20 -6.62 -6.80 25.07
N ARG A 21 -6.77 -8.01 25.59
CA ARG A 21 -5.66 -8.94 25.75
C ARG A 21 -6.19 -10.36 25.59
N MET A 22 -5.29 -11.27 25.26
CA MET A 22 -5.68 -12.65 25.03
C MET A 22 -5.48 -13.40 26.32
N PRO A 23 -6.56 -13.94 26.88
CA PRO A 23 -6.43 -14.62 28.17
C PRO A 23 -5.96 -16.08 28.02
N GLN A 24 -5.56 -16.68 29.15
CA GLN A 24 -5.53 -18.15 29.34
C GLN A 24 -4.98 -18.99 28.19
N GLU A 25 -5.77 -19.10 27.11
CA GLU A 25 -5.59 -20.11 26.05
C GLU A 25 -4.31 -20.01 25.19
N ILE A 26 -3.58 -18.91 25.31
CA ILE A 26 -2.22 -18.88 24.82
C ILE A 26 -1.42 -19.78 25.75
N THR A 27 -1.68 -21.09 25.64
CA THR A 27 -1.18 -22.13 26.58
C THR A 27 -1.42 -23.49 25.95
N ASN A 28 -2.69 -23.74 25.67
CA ASN A 28 -3.13 -24.90 24.87
C ASN A 28 -3.10 -24.59 23.34
N LYS A 29 -2.23 -23.65 22.93
CA LYS A 29 -1.94 -23.30 21.53
C LYS A 29 -3.09 -22.47 20.94
N LEU A 42 -12.63 -26.00 16.39
CA LEU A 42 -12.15 -26.48 17.68
C LEU A 42 -11.77 -25.23 18.53
N ILE A 43 -10.61 -25.27 19.19
CA ILE A 43 -9.99 -24.08 19.85
C ILE A 43 -9.63 -22.94 18.89
N LEU A 44 -9.30 -23.29 17.65
CA LEU A 44 -8.94 -22.32 16.60
C LEU A 44 -10.03 -21.27 16.35
N THR A 45 -11.28 -21.72 16.49
CA THR A 45 -12.45 -20.84 16.47
C THR A 45 -12.50 -19.83 17.63
N GLU A 46 -12.21 -20.30 18.85
CA GLU A 46 -12.04 -19.40 20.00
C GLU A 46 -11.03 -18.31 19.70
N MET A 47 -9.80 -18.69 19.37
CA MET A 47 -8.77 -17.74 18.96
C MET A 47 -9.29 -16.74 17.93
N ALA A 48 -9.76 -17.25 16.78
CA ALA A 48 -10.33 -16.41 15.71
C ALA A 48 -11.34 -15.44 16.29
N THR A 49 -12.23 -15.97 17.11
CA THR A 49 -13.29 -15.19 17.70
C THR A 49 -12.77 -14.16 18.70
N ASN A 50 -11.77 -14.55 19.49
CA ASN A 50 -11.13 -13.62 20.40
C ASN A 50 -10.58 -12.47 19.55
N HIS A 51 -9.76 -12.81 18.54
CA HIS A 51 -9.15 -11.81 17.66
C HIS A 51 -10.13 -10.72 17.23
N VAL A 52 -11.25 -11.14 16.65
CA VAL A 52 -12.26 -10.20 16.16
C VAL A 52 -12.83 -9.33 17.28
N GLN A 53 -13.23 -9.99 18.37
CA GLN A 53 -13.87 -9.27 19.49
C GLN A 53 -12.99 -8.11 19.82
N VAL A 54 -11.72 -8.42 20.04
CA VAL A 54 -10.68 -7.45 20.44
C VAL A 54 -10.46 -6.35 19.38
N LEU A 55 -10.27 -6.78 18.14
CA LEU A 55 -10.21 -5.87 17.02
C LEU A 55 -11.34 -4.82 16.99
N VAL A 56 -12.60 -5.23 17.10
CA VAL A 56 -13.68 -4.23 17.02
C VAL A 56 -13.60 -3.27 18.19
N GLU A 57 -13.18 -3.77 19.36
CA GLU A 57 -13.10 -2.96 20.57
C GLU A 57 -12.00 -1.91 20.42
N PHE A 58 -10.84 -2.33 19.91
CA PHE A 58 -9.76 -1.42 19.51
C PHE A 58 -10.20 -0.46 18.40
N THR A 59 -10.77 -1.02 17.33
CA THR A 59 -11.28 -0.20 16.25
C THR A 59 -12.15 0.95 16.72
N LYS A 60 -13.19 0.66 17.49
CA LYS A 60 -14.24 1.66 17.79
C LYS A 60 -13.70 2.82 18.61
N LYS A 61 -12.74 2.52 19.47
CA LYS A 61 -12.06 3.51 20.33
C LYS A 61 -11.19 4.49 19.58
N LEU A 62 -10.71 4.10 18.39
CA LEU A 62 -9.81 4.90 17.53
C LEU A 62 -10.35 6.31 17.24
N PRO A 63 -9.50 7.34 17.46
CA PRO A 63 -9.93 8.72 17.28
C PRO A 63 -10.67 8.92 15.96
N GLY A 64 -11.86 9.50 16.04
CA GLY A 64 -12.59 9.91 14.87
C GLY A 64 -13.49 8.84 14.33
N PHE A 65 -13.26 7.56 14.68
CA PHE A 65 -13.99 6.44 14.05
C PHE A 65 -15.49 6.56 14.30
N GLN A 66 -15.86 7.09 15.46
CA GLN A 66 -17.26 7.39 15.80
C GLN A 66 -17.95 8.18 14.68
N THR A 67 -17.23 9.16 14.12
CA THR A 67 -17.77 10.09 13.11
C THR A 67 -17.95 9.48 11.71
N LEU A 68 -17.27 8.37 11.44
CA LEU A 68 -17.28 7.77 10.08
C LEU A 68 -18.63 7.20 9.69
N ASP A 69 -18.94 7.32 8.41
CA ASP A 69 -20.11 6.67 7.88
C ASP A 69 -20.18 5.17 8.28
N HIS A 70 -21.37 4.71 8.66
CA HIS A 70 -21.56 3.36 9.13
C HIS A 70 -21.11 2.34 8.10
N GLU A 71 -21.43 2.57 6.85
CA GLU A 71 -21.10 1.58 5.84
C GLU A 71 -19.59 1.57 5.56
N ASP A 72 -18.96 2.74 5.74
CA ASP A 72 -17.51 2.83 5.71
C ASP A 72 -16.91 2.13 6.87
N GLN A 73 -17.49 2.30 8.06
CA GLN A 73 -16.96 1.70 9.29
C GLN A 73 -16.87 0.21 9.17
N ILE A 74 -17.93 -0.39 8.64
CA ILE A 74 -17.99 -1.84 8.54
C ILE A 74 -16.99 -2.32 7.53
N ALA A 75 -16.94 -1.67 6.37
CA ALA A 75 -15.93 -1.91 5.32
C ALA A 75 -14.50 -1.87 5.84
N LEU A 76 -14.19 -0.79 6.57
CA LEU A 76 -12.88 -0.60 7.18
C LEU A 76 -12.50 -1.75 8.09
N LEU A 77 -13.52 -2.32 8.72
CA LEU A 77 -13.38 -3.38 9.68
C LEU A 77 -13.14 -4.72 8.99
N LYS A 78 -14.03 -5.07 8.07
CA LYS A 78 -13.92 -6.30 7.27
C LYS A 78 -12.62 -6.41 6.45
N GLY A 79 -12.23 -5.33 5.78
CA GLY A 79 -10.94 -5.26 5.09
C GLY A 79 -9.69 -5.39 5.99
N SER A 80 -9.73 -4.75 7.15
CA SER A 80 -8.55 -4.78 8.05
C SER A 80 -8.29 -6.12 8.73
N ALA A 81 -9.23 -7.04 8.63
CA ALA A 81 -9.26 -8.17 9.53
C ALA A 81 -8.10 -9.13 9.33
N VAL A 82 -7.89 -9.56 8.11
CA VAL A 82 -6.83 -10.55 7.83
C VAL A 82 -5.43 -10.04 8.23
N GLU A 83 -5.22 -8.74 8.11
CA GLU A 83 -3.93 -8.21 8.41
C GLU A 83 -3.79 -8.09 9.92
N ALA A 84 -4.81 -7.55 10.57
CA ALA A 84 -4.82 -7.42 12.03
C ALA A 84 -4.60 -8.74 12.71
N MET A 85 -5.27 -9.77 12.21
CA MET A 85 -5.15 -11.07 12.82
C MET A 85 -3.75 -11.67 12.70
N PHE A 86 -3.11 -11.51 11.55
CA PHE A 86 -1.67 -11.84 11.37
C PHE A 86 -0.80 -11.06 12.32
N LEU A 87 -1.11 -9.76 12.44
CA LEU A 87 -0.41 -8.84 13.33
C LEU A 87 -0.59 -9.18 14.82
N ARG A 88 -1.82 -9.50 15.23
CA ARG A 88 -2.10 -9.75 16.64
C ARG A 88 -1.70 -11.19 17.01
N SER A 89 -1.83 -12.13 16.07
CA SER A 89 -1.23 -13.45 16.25
C SER A 89 0.24 -13.29 16.53
N ALA A 90 0.93 -12.53 15.68
CA ALA A 90 2.37 -12.37 15.79
C ALA A 90 2.80 -11.83 17.15
N GLU A 91 2.25 -10.68 17.53
CA GLU A 91 2.55 -10.04 18.84
C GLU A 91 2.37 -10.96 20.05
N ILE A 92 1.62 -12.05 19.88
CA ILE A 92 1.43 -13.07 20.90
C ILE A 92 2.37 -14.29 20.68
N PHE A 93 2.12 -15.12 19.67
CA PHE A 93 2.85 -16.42 19.51
C PHE A 93 4.29 -16.36 18.93
N ASN A 94 4.92 -15.18 19.02
CA ASN A 94 6.38 -15.02 18.90
C ASN A 94 6.99 -14.60 20.24
N LYS A 95 6.28 -13.79 21.02
CA LYS A 95 6.64 -13.52 22.44
C LYS A 95 6.34 -14.70 23.39
N LYS A 96 5.10 -15.23 23.35
CA LYS A 96 4.62 -16.26 24.31
C LYS A 96 5.10 -17.71 24.02
N LEU A 97 5.76 -17.92 22.88
CA LEU A 97 6.54 -19.13 22.64
C LEU A 97 7.97 -18.65 22.28
N PRO A 98 8.73 -18.14 23.29
CA PRO A 98 9.97 -17.42 23.02
C PRO A 98 11.10 -18.36 22.68
N LEU A 105 5.00 -24.02 14.24
CA LEU A 105 5.57 -23.38 15.42
C LEU A 105 4.65 -23.12 16.63
N GLU A 106 3.90 -24.11 17.16
CA GLU A 106 3.60 -25.41 16.54
C GLU A 106 2.17 -25.20 16.07
N GLU A 107 1.83 -25.60 14.84
CA GLU A 107 0.49 -25.30 14.30
C GLU A 107 -0.42 -26.48 14.08
N ARG A 108 -1.69 -26.12 14.06
CA ARG A 108 -2.79 -27.03 14.13
C ARG A 108 -3.49 -27.05 12.74
N ILE A 109 -2.91 -26.36 11.75
CA ILE A 109 -3.64 -25.91 10.54
C ILE A 109 -3.49 -26.86 9.35
N ARG A 110 -2.37 -27.58 9.29
CA ARG A 110 -2.27 -28.73 8.42
C ARG A 110 -3.45 -29.63 8.78
N ASN A 111 -3.53 -30.00 10.05
CA ASN A 111 -4.51 -30.99 10.53
C ASN A 111 -5.95 -30.52 10.48
N SER A 112 -6.13 -29.21 10.49
CA SER A 112 -7.45 -28.62 10.25
C SER A 112 -7.99 -28.75 8.81
N GLY A 113 -7.23 -29.35 7.90
CA GLY A 113 -7.74 -29.71 6.58
C GLY A 113 -7.76 -28.53 5.65
N ILE A 114 -6.71 -27.72 5.71
CA ILE A 114 -6.51 -26.62 4.79
C ILE A 114 -5.60 -27.12 3.71
N SER A 115 -6.01 -26.91 2.46
CA SER A 115 -5.16 -27.18 1.29
C SER A 115 -3.77 -26.62 1.51
N ASP A 116 -2.75 -27.47 1.39
CA ASP A 116 -1.35 -27.06 1.61
C ASP A 116 -0.93 -25.94 0.65
N GLU A 117 -1.60 -25.84 -0.51
CA GLU A 117 -1.45 -24.67 -1.36
C GLU A 117 -1.31 -23.38 -0.55
N TYR A 118 -2.23 -23.14 0.38
CA TYR A 118 -2.31 -21.90 1.13
C TYR A 118 -1.44 -21.82 2.39
N ILE A 119 -1.08 -22.97 2.99
CA ILE A 119 -0.40 -22.98 4.30
C ILE A 119 1.01 -22.44 4.16
N THR A 120 1.81 -23.11 3.35
CA THR A 120 3.23 -22.72 3.23
C THR A 120 3.40 -21.24 2.81
N PRO A 121 2.50 -20.70 1.94
CA PRO A 121 2.55 -19.25 1.64
C PRO A 121 2.28 -18.39 2.83
N MET A 122 1.18 -18.70 3.54
CA MET A 122 0.67 -17.80 4.55
C MET A 122 1.53 -17.83 5.79
N PHE A 123 2.36 -18.86 5.93
CA PHE A 123 3.38 -18.84 6.99
C PHE A 123 4.65 -18.06 6.67
N SER A 124 5.05 -17.99 5.40
CA SER A 124 6.06 -17.01 5.01
C SER A 124 5.71 -15.67 5.62
N PHE A 125 4.50 -15.21 5.36
CA PHE A 125 4.03 -13.90 5.84
C PHE A 125 4.10 -13.80 7.36
N TYR A 126 3.80 -14.89 8.06
CA TYR A 126 3.83 -14.91 9.52
C TYR A 126 5.24 -14.75 10.06
N LYS A 127 6.17 -15.56 9.57
CA LYS A 127 7.60 -15.48 9.94
C LYS A 127 8.22 -14.12 9.59
N SER A 128 7.92 -13.65 8.39
CA SER A 128 8.29 -12.31 7.94
C SER A 128 7.98 -11.22 8.94
N ILE A 129 6.77 -11.25 9.50
CA ILE A 129 6.30 -10.20 10.42
C ILE A 129 7.06 -10.23 11.74
N GLY A 130 7.21 -11.43 12.30
CA GLY A 130 8.03 -11.63 13.50
C GLY A 130 9.46 -11.13 13.32
N GLU A 131 10.05 -11.40 12.16
CA GLU A 131 11.40 -10.97 11.82
C GLU A 131 11.60 -9.45 11.86
N LEU A 132 10.58 -8.69 11.49
CA LEU A 132 10.61 -7.24 11.66
C LEU A 132 10.92 -6.83 13.08
N LYS A 133 10.56 -7.69 14.01
CA LYS A 133 10.78 -7.52 15.44
C LYS A 133 10.32 -6.14 15.92
N MET A 134 9.01 -6.00 15.94
CA MET A 134 8.40 -4.74 16.25
C MET A 134 8.19 -4.55 17.75
N THR A 135 8.28 -3.31 18.22
CA THR A 135 7.89 -2.94 19.57
C THR A 135 6.37 -2.85 19.65
N GLN A 136 5.83 -2.91 20.87
CA GLN A 136 4.37 -2.98 21.04
C GLN A 136 3.70 -1.64 20.80
N GLU A 137 4.48 -0.56 20.68
CA GLU A 137 3.94 0.71 20.16
C GLU A 137 3.90 0.67 18.62
N GLU A 138 4.91 0.07 18.01
CA GLU A 138 4.89 -0.22 16.57
C GLU A 138 3.64 -1.09 16.18
N TYR A 139 3.48 -2.29 16.76
CA TYR A 139 2.27 -3.12 16.55
C TYR A 139 0.96 -2.35 16.69
N ALA A 140 0.83 -1.62 17.77
CA ALA A 140 -0.40 -0.91 18.07
C ALA A 140 -0.73 0.07 16.98
N LEU A 141 0.19 0.99 16.70
CA LEU A 141 -0.01 2.06 15.68
C LEU A 141 -0.15 1.52 14.27
N LEU A 142 0.62 0.50 13.95
CA LEU A 142 0.56 -0.11 12.64
C LEU A 142 -0.82 -0.70 12.42
N THR A 143 -1.28 -1.54 13.36
CA THR A 143 -2.69 -2.02 13.37
C THR A 143 -3.71 -0.91 13.10
N ALA A 144 -3.51 0.23 13.72
CA ALA A 144 -4.45 1.32 13.59
C ALA A 144 -4.47 1.85 12.19
N ILE A 145 -3.28 1.98 11.61
CA ILE A 145 -3.08 2.35 10.18
C ILE A 145 -3.75 1.33 9.22
N VAL A 146 -3.47 0.06 9.49
CA VAL A 146 -4.10 -1.04 8.80
C VAL A 146 -5.61 -0.91 8.83
N ILE A 147 -6.15 -0.66 10.03
CA ILE A 147 -7.59 -0.49 10.16
C ILE A 147 -8.08 0.67 9.28
N LEU A 148 -7.62 1.87 9.58
CA LEU A 148 -8.01 3.06 8.83
C LEU A 148 -7.32 3.25 7.44
N SER A 149 -7.09 2.15 6.70
CA SER A 149 -6.62 2.23 5.32
C SER A 149 -7.74 2.79 4.45
N PRO A 150 -7.52 3.98 3.84
CA PRO A 150 -8.56 4.55 2.97
C PRO A 150 -8.73 3.83 1.66
N ASP A 151 -7.71 3.05 1.27
CA ASP A 151 -7.70 2.22 0.06
C ASP A 151 -8.75 1.10 -0.01
N ARG A 152 -9.45 0.80 1.08
CA ARG A 152 -10.20 -0.44 1.13
C ARG A 152 -11.46 -0.36 0.27
N GLN A 153 -11.98 -1.54 -0.06
CA GLN A 153 -13.07 -1.66 -1.01
C GLN A 153 -14.39 -1.18 -0.42
N TYR A 154 -15.19 -0.50 -1.25
CA TYR A 154 -16.51 0.01 -0.87
C TYR A 154 -16.51 1.16 0.14
N ILE A 155 -15.36 1.77 0.40
CA ILE A 155 -15.36 3.05 1.12
C ILE A 155 -15.96 4.05 0.16
N LYS A 156 -16.64 5.04 0.69
CA LYS A 156 -17.11 6.16 -0.10
C LYS A 156 -16.30 7.40 0.23
N ASP A 157 -16.26 7.79 1.51
CA ASP A 157 -15.42 8.92 1.90
C ASP A 157 -13.99 8.46 2.23
N ARG A 158 -13.21 8.31 1.17
CA ARG A 158 -11.79 7.99 1.25
C ARG A 158 -10.99 9.08 1.98
N GLU A 159 -11.42 10.33 1.85
CA GLU A 159 -10.68 11.47 2.41
C GLU A 159 -10.89 11.52 3.92
N ALA A 160 -12.15 11.39 4.34
CA ALA A 160 -12.51 11.33 5.75
C ALA A 160 -11.75 10.26 6.49
N VAL A 161 -11.55 9.11 5.85
CA VAL A 161 -10.68 8.06 6.42
C VAL A 161 -9.26 8.54 6.40
N GLU A 162 -8.83 9.02 5.22
CA GLU A 162 -7.45 9.48 5.00
C GLU A 162 -6.97 10.52 6.00
N LYS A 163 -7.85 11.48 6.30
CA LYS A 163 -7.72 12.48 7.38
C LYS A 163 -7.32 11.90 8.78
N LEU A 164 -7.98 10.82 9.20
CA LEU A 164 -7.66 10.18 10.50
C LEU A 164 -6.33 9.38 10.51
N GLN A 165 -5.92 8.91 9.34
CA GLN A 165 -4.75 8.07 9.22
C GLN A 165 -3.47 8.89 9.25
N GLU A 166 -3.46 10.08 8.62
CA GLU A 166 -2.28 10.99 8.59
C GLU A 166 -1.52 11.11 9.90
N PRO A 167 -2.22 11.47 11.02
CA PRO A 167 -1.54 11.65 12.34
C PRO A 167 -0.88 10.39 12.93
N LEU A 168 -1.49 9.24 12.67
CA LEU A 168 -0.99 7.95 13.15
C LEU A 168 0.26 7.57 12.39
N LEU A 169 0.22 7.81 11.09
CA LEU A 169 1.36 7.57 10.20
C LEU A 169 2.57 8.33 10.65
N ASP A 170 2.41 9.66 10.66
CA ASP A 170 3.54 10.53 10.89
C ASP A 170 4.10 10.41 12.30
N VAL A 171 3.31 9.87 13.25
CA VAL A 171 3.84 9.44 14.57
C VAL A 171 4.57 8.10 14.48
N LEU A 172 3.97 7.10 13.84
CA LEU A 172 4.66 5.82 13.67
C LEU A 172 6.01 6.04 13.04
N GLN A 173 6.01 6.88 12.01
CA GLN A 173 7.23 7.23 11.29
C GLN A 173 8.35 7.49 12.25
N LYS A 174 8.07 8.39 13.19
CA LYS A 174 9.08 8.92 14.10
C LYS A 174 9.58 7.86 15.04
N LEU A 175 8.67 7.04 15.59
CA LEU A 175 9.08 6.04 16.56
C LEU A 175 9.71 4.78 15.92
N CYS A 176 9.82 4.78 14.59
CA CYS A 176 10.73 3.88 13.87
C CYS A 176 12.14 4.42 13.82
N LYS A 177 12.28 5.73 13.67
CA LYS A 177 13.59 6.39 13.83
C LYS A 177 14.12 6.28 15.29
N ILE A 178 13.21 6.08 16.24
CA ILE A 178 13.57 5.93 17.65
C ILE A 178 13.86 4.46 18.05
N HIS A 179 13.05 3.49 17.61
CA HIS A 179 13.28 2.05 17.88
C HIS A 179 13.50 1.25 16.58
N GLN A 180 14.61 1.41 15.84
CA GLN A 180 15.81 2.16 16.22
C GLN A 180 16.46 2.86 14.97
N PRO A 181 17.34 3.90 15.19
CA PRO A 181 17.97 4.69 14.08
C PRO A 181 19.00 3.96 13.20
N GLU A 182 19.83 3.16 13.84
CA GLU A 182 20.74 2.17 13.21
C GLU A 182 20.44 1.82 11.74
N ASN A 183 19.23 1.31 11.53
CA ASN A 183 18.71 0.86 10.26
C ASN A 183 17.60 1.86 9.86
N PRO A 184 17.84 2.68 8.83
CA PRO A 184 16.87 3.71 8.40
C PRO A 184 15.80 3.25 7.41
N GLN A 185 15.74 1.96 7.10
CA GLN A 185 14.73 1.45 6.20
C GLN A 185 13.66 0.67 6.97
N HIS A 186 13.41 1.02 8.23
CA HIS A 186 12.58 0.16 9.07
C HIS A 186 11.10 0.40 8.81
N PHE A 187 10.74 1.67 8.90
CA PHE A 187 9.40 2.12 8.60
C PHE A 187 8.94 1.70 7.21
N ALA A 188 9.77 1.97 6.21
CA ALA A 188 9.47 1.52 4.84
C ALA A 188 9.25 0.01 4.82
N CYS A 189 10.21 -0.72 5.37
CA CYS A 189 10.11 -2.16 5.48
C CYS A 189 8.86 -2.67 6.26
N LEU A 190 8.33 -1.89 7.21
CA LEU A 190 7.06 -2.26 7.89
C LEU A 190 5.85 -2.22 6.96
N LEU A 191 5.70 -1.12 6.23
CA LEU A 191 4.56 -0.96 5.33
C LEU A 191 4.64 -1.94 4.18
N GLY A 192 5.86 -2.20 3.75
CA GLY A 192 6.15 -3.18 2.73
C GLY A 192 5.57 -4.53 3.00
N ARG A 193 5.86 -5.08 4.17
CA ARG A 193 5.34 -6.39 4.52
C ARG A 193 3.83 -6.39 4.54
N LEU A 194 3.24 -5.30 4.98
CA LEU A 194 1.78 -5.23 5.01
C LEU A 194 1.21 -5.16 3.65
N THR A 195 1.87 -4.41 2.79
CA THR A 195 1.50 -4.34 1.40
C THR A 195 1.64 -5.72 0.79
N GLU A 196 2.80 -6.34 1.00
CA GLU A 196 3.03 -7.73 0.58
C GLU A 196 1.83 -8.58 0.95
N LEU A 197 1.31 -8.44 2.17
CA LEU A 197 0.17 -9.24 2.68
C LEU A 197 -1.18 -8.87 2.08
N ARG A 198 -1.50 -7.58 1.99
CA ARG A 198 -2.70 -7.15 1.30
C ARG A 198 -2.89 -8.01 0.05
N THR A 199 -1.86 -8.19 -0.75
CA THR A 199 -1.98 -9.01 -1.96
C THR A 199 -2.52 -10.43 -1.73
N PHE A 200 -2.20 -11.03 -0.59
CA PHE A 200 -2.71 -12.37 -0.24
C PHE A 200 -4.23 -12.44 0.07
N ASN A 201 -4.90 -11.30 0.17
CA ASN A 201 -6.25 -11.30 0.70
C ASN A 201 -7.22 -12.12 -0.14
N HIS A 202 -7.11 -12.05 -1.47
CA HIS A 202 -8.03 -12.81 -2.35
C HIS A 202 -7.79 -14.34 -2.28
N HIS A 203 -6.57 -14.77 -1.96
CA HIS A 203 -6.24 -16.20 -1.74
C HIS A 203 -6.73 -16.69 -0.39
N HIS A 204 -6.75 -15.80 0.60
CA HIS A 204 -7.30 -16.11 1.93
C HIS A 204 -8.79 -16.44 1.83
N ALA A 205 -9.53 -15.64 1.05
CA ALA A 205 -10.92 -15.94 0.70
C ALA A 205 -11.12 -17.36 0.26
N GLU A 206 -10.34 -17.77 -0.73
CA GLU A 206 -10.37 -19.12 -1.29
C GLU A 206 -9.95 -20.13 -0.25
N MET A 207 -8.85 -19.85 0.44
CA MET A 207 -8.36 -20.68 1.54
C MET A 207 -9.47 -21.05 2.50
N LEU A 208 -10.29 -20.06 2.87
CA LEU A 208 -11.42 -20.25 3.79
C LEU A 208 -12.54 -21.05 3.11
N MET A 209 -12.94 -20.59 1.92
CA MET A 209 -13.95 -21.29 1.12
C MET A 209 -13.51 -22.71 0.78
N SER A 210 -12.20 -22.99 0.79
CA SER A 210 -11.70 -24.37 0.72
C SER A 210 -12.06 -25.20 1.98
N TRP A 211 -11.86 -24.66 3.18
CA TRP A 211 -12.20 -25.40 4.42
C TRP A 211 -13.71 -25.54 4.69
N ARG A 212 -14.50 -24.65 4.11
CA ARG A 212 -15.96 -24.67 4.26
C ARG A 212 -16.64 -25.70 3.30
N VAL A 213 -15.90 -26.23 2.30
CA VAL A 213 -16.40 -27.31 1.37
C VAL A 213 -16.76 -28.61 2.10
N ASN A 214 -15.76 -29.33 2.62
CA ASN A 214 -16.02 -30.38 3.61
C ASN A 214 -16.89 -29.78 4.72
N ASP A 215 -17.96 -30.47 5.12
CA ASP A 215 -18.99 -29.87 6.02
C ASP A 215 -18.42 -29.33 7.35
N HIS A 216 -17.84 -28.14 7.25
CA HIS A 216 -17.21 -27.46 8.37
C HIS A 216 -17.72 -26.03 8.36
N LYS A 217 -18.25 -25.58 9.49
CA LYS A 217 -18.86 -24.27 9.54
C LYS A 217 -18.19 -23.30 10.51
N PHE A 218 -18.45 -22.04 10.24
CA PHE A 218 -17.97 -20.92 11.03
C PHE A 218 -19.06 -20.36 11.96
N THR A 219 -18.63 -19.67 13.00
CA THR A 219 -19.51 -18.97 13.92
C THR A 219 -20.16 -17.86 13.09
N PRO A 220 -21.30 -17.31 13.56
CA PRO A 220 -21.95 -16.28 12.73
C PRO A 220 -21.08 -15.06 12.62
N LEU A 221 -20.47 -14.69 13.74
CA LEU A 221 -19.46 -13.63 13.78
C LEU A 221 -18.36 -13.79 12.73
N LEU A 222 -17.78 -15.00 12.64
CA LEU A 222 -16.68 -15.24 11.69
C LEU A 222 -17.12 -15.23 10.22
N CYS A 223 -18.40 -15.45 9.97
CA CYS A 223 -18.95 -15.32 8.64
C CYS A 223 -19.09 -13.85 8.32
N GLU A 224 -19.49 -13.06 9.32
CA GLU A 224 -19.69 -11.64 9.07
C GLU A 224 -18.37 -10.97 8.77
N ILE A 225 -17.34 -11.33 9.54
CA ILE A 225 -16.07 -10.61 9.45
C ILE A 225 -15.42 -10.94 8.11
N TRP A 226 -15.43 -12.23 7.75
CA TRP A 226 -14.83 -12.72 6.50
C TRP A 226 -15.75 -12.67 5.29
N ASP A 227 -17.00 -12.23 5.46
CA ASP A 227 -17.98 -12.08 4.38
C ASP A 227 -18.21 -13.40 3.67
N VAL A 228 -18.90 -14.33 4.36
CA VAL A 228 -19.09 -15.72 3.90
C VAL A 228 -20.52 -16.05 3.40
N GLU B 1 16.26 -18.79 -11.04
CA GLU B 1 14.85 -18.78 -10.52
C GLU B 1 13.77 -18.39 -11.54
N LEU B 2 14.09 -17.48 -12.45
CA LEU B 2 13.10 -16.87 -13.34
C LEU B 2 12.63 -17.82 -14.43
N THR B 3 11.38 -18.28 -14.30
CA THR B 3 10.82 -19.25 -15.24
C THR B 3 10.82 -18.61 -16.64
N PRO B 4 10.96 -19.43 -17.73
CA PRO B 4 10.95 -18.88 -19.10
C PRO B 4 9.91 -17.77 -19.33
N ASP B 5 8.64 -18.08 -19.04
CA ASP B 5 7.54 -17.13 -19.16
C ASP B 5 7.78 -15.82 -18.44
N GLN B 6 8.47 -15.87 -17.30
CA GLN B 6 8.83 -14.67 -16.57
C GLN B 6 9.88 -13.91 -17.35
N GLN B 7 10.84 -14.63 -17.93
CA GLN B 7 11.87 -13.98 -18.76
C GLN B 7 11.33 -13.33 -20.02
N THR B 8 10.34 -13.95 -20.64
CA THR B 8 9.65 -13.35 -21.78
C THR B 8 8.94 -12.08 -21.30
N LEU B 9 8.22 -12.22 -20.18
CA LEU B 9 7.42 -11.13 -19.61
C LEU B 9 8.31 -9.99 -19.20
N LEU B 10 9.39 -10.30 -18.51
CA LEU B 10 10.40 -9.29 -18.17
C LEU B 10 11.04 -8.63 -19.38
N HIS B 11 11.41 -9.44 -20.39
CA HIS B 11 11.99 -8.87 -21.60
C HIS B 11 10.99 -7.86 -22.17
N PHE B 12 9.77 -8.32 -22.44
CA PHE B 12 8.70 -7.48 -23.02
C PHE B 12 8.52 -6.15 -22.29
N ILE B 13 8.58 -6.26 -20.96
CA ILE B 13 8.42 -5.14 -20.05
C ILE B 13 9.61 -4.20 -20.10
N MET B 14 10.80 -4.76 -19.97
CA MET B 14 12.00 -3.95 -20.13
C MET B 14 12.13 -3.38 -21.53
N ASP B 15 11.67 -4.11 -22.55
CA ASP B 15 11.73 -3.60 -23.91
C ASP B 15 10.74 -2.44 -23.94
N SER B 16 9.44 -2.71 -23.75
CA SER B 16 8.37 -1.68 -23.67
C SER B 16 8.73 -0.38 -22.88
N TYR B 17 9.62 -0.49 -21.90
CA TYR B 17 10.04 0.63 -21.06
C TYR B 17 11.14 1.52 -21.61
N ASN B 18 11.85 1.00 -22.61
CA ASN B 18 13.22 1.44 -22.92
C ASN B 18 13.70 2.53 -23.89
N LYS B 19 13.25 2.76 -25.13
CA LYS B 19 12.02 2.42 -25.90
C LYS B 19 10.92 3.44 -25.74
N GLN B 20 11.13 4.47 -24.93
CA GLN B 20 10.02 5.31 -24.53
C GLN B 20 10.39 6.69 -24.04
N ARG B 21 11.53 6.82 -23.38
CA ARG B 21 11.89 8.04 -22.66
C ARG B 21 12.37 9.16 -23.62
N MET B 22 12.86 10.30 -23.12
CA MET B 22 13.34 11.38 -24.02
C MET B 22 14.49 12.20 -23.42
N PRO B 23 15.55 12.52 -24.24
CA PRO B 23 16.79 13.06 -23.65
C PRO B 23 16.87 14.61 -23.61
N GLN B 24 17.46 15.26 -24.60
CA GLN B 24 17.87 16.68 -24.56
C GLN B 24 17.53 17.49 -23.31
N GLU B 25 16.24 17.72 -23.03
CA GLU B 25 15.82 18.70 -22.02
C GLU B 25 16.32 18.43 -20.60
N ILE B 26 16.63 17.17 -20.30
CA ILE B 26 17.44 16.83 -19.14
C ILE B 26 18.86 17.36 -19.29
N THR B 27 18.98 18.67 -19.10
CA THR B 27 20.22 19.44 -19.30
C THR B 27 19.84 20.85 -18.87
N ASN B 28 18.74 21.36 -19.44
CA ASN B 28 18.06 22.59 -18.96
C ASN B 28 17.51 22.45 -17.52
N LYS B 29 17.91 21.38 -16.80
CA LYS B 29 17.44 21.05 -15.45
C LYS B 29 15.92 20.87 -15.36
N ASN B 40 10.66 34.18 -17.71
CA ASN B 40 10.91 32.83 -17.23
C ASN B 40 9.62 32.03 -17.13
N PHE B 41 9.53 30.82 -17.71
CA PHE B 41 10.64 30.03 -18.35
C PHE B 41 10.10 28.73 -18.97
N LEU B 42 9.15 28.09 -18.28
CA LEU B 42 8.39 26.91 -18.73
C LEU B 42 9.05 25.61 -18.31
N ILE B 43 9.97 25.09 -19.14
CA ILE B 43 10.39 23.64 -19.29
C ILE B 43 9.85 22.55 -18.36
N LEU B 44 9.48 22.94 -17.15
CA LEU B 44 8.76 22.05 -16.27
C LEU B 44 7.48 21.55 -16.93
N THR B 45 6.76 22.47 -17.57
CA THR B 45 5.57 22.11 -18.37
C THR B 45 5.90 21.01 -19.39
N GLU B 46 7.00 21.20 -20.12
CA GLU B 46 7.51 20.22 -21.10
C GLU B 46 7.82 18.88 -20.40
N MET B 47 8.62 18.93 -19.32
CA MET B 47 9.00 17.72 -18.57
C MET B 47 7.80 16.93 -18.07
N ALA B 48 6.90 17.63 -17.39
CA ALA B 48 5.58 17.10 -17.02
C ALA B 48 4.88 16.42 -18.21
N THR B 49 4.77 17.13 -19.32
CA THR B 49 4.09 16.62 -20.51
C THR B 49 4.73 15.34 -21.05
N ASN B 50 6.05 15.29 -21.07
CA ASN B 50 6.76 14.07 -21.46
C ASN B 50 6.47 12.94 -20.48
N HIS B 51 6.63 13.23 -19.19
CA HIS B 51 6.28 12.27 -18.14
C HIS B 51 4.92 11.62 -18.39
N VAL B 52 3.93 12.44 -18.74
CA VAL B 52 2.60 11.92 -19.05
C VAL B 52 2.69 10.99 -20.26
N GLN B 53 3.17 11.53 -21.38
CA GLN B 53 3.14 10.81 -22.67
C GLN B 53 3.76 9.42 -22.60
N VAL B 54 4.95 9.35 -22.04
CA VAL B 54 5.59 8.10 -21.78
C VAL B 54 4.71 7.19 -20.92
N LEU B 55 4.22 7.71 -19.80
CA LEU B 55 3.31 6.96 -18.94
C LEU B 55 2.25 6.27 -19.76
N VAL B 56 1.52 7.06 -20.54
CA VAL B 56 0.36 6.54 -21.28
C VAL B 56 0.78 5.45 -22.30
N GLU B 57 1.91 5.68 -22.96
CA GLU B 57 2.44 4.79 -24.00
C GLU B 57 2.88 3.45 -23.37
N PHE B 58 3.56 3.56 -22.24
CA PHE B 58 3.92 2.38 -21.45
C PHE B 58 2.69 1.64 -20.90
N THR B 59 1.73 2.41 -20.38
CA THR B 59 0.57 1.81 -19.72
C THR B 59 -0.20 0.92 -20.67
N LYS B 60 -0.45 1.40 -21.89
CA LYS B 60 -1.25 0.63 -22.88
C LYS B 60 -0.59 -0.68 -23.29
N LYS B 61 0.73 -0.64 -23.38
CA LYS B 61 1.49 -1.80 -23.80
C LYS B 61 1.71 -2.86 -22.72
N LEU B 62 1.28 -2.60 -21.47
CA LEU B 62 1.31 -3.58 -20.37
C LEU B 62 0.39 -4.76 -20.69
N PRO B 63 0.86 -6.01 -20.51
CA PRO B 63 0.07 -7.12 -21.05
C PRO B 63 -1.29 -7.20 -20.38
N GLY B 64 -2.33 -7.28 -21.20
CA GLY B 64 -3.71 -7.41 -20.73
C GLY B 64 -4.39 -6.12 -20.32
N PHE B 65 -3.62 -5.03 -20.28
CA PHE B 65 -4.18 -3.74 -19.91
C PHE B 65 -5.31 -3.39 -20.88
N GLN B 66 -5.04 -3.64 -22.16
CA GLN B 66 -5.96 -3.31 -23.24
C GLN B 66 -7.32 -3.98 -23.04
N THR B 67 -7.35 -5.14 -22.38
CA THR B 67 -8.61 -5.81 -22.07
C THR B 67 -9.48 -5.11 -21.01
N LEU B 68 -8.96 -4.15 -20.24
CA LEU B 68 -9.68 -3.65 -19.06
C LEU B 68 -10.79 -2.68 -19.42
N ASP B 69 -11.84 -2.67 -18.61
CA ASP B 69 -12.94 -1.72 -18.77
C ASP B 69 -12.33 -0.31 -18.85
N HIS B 70 -12.78 0.45 -19.81
CA HIS B 70 -12.14 1.74 -20.12
C HIS B 70 -12.07 2.73 -18.93
N GLU B 71 -13.13 2.81 -18.15
CA GLU B 71 -13.20 3.76 -17.06
C GLU B 71 -12.27 3.32 -15.94
N ASP B 72 -12.04 2.00 -15.84
CA ASP B 72 -10.97 1.46 -15.02
C ASP B 72 -9.61 1.94 -15.56
N GLN B 73 -9.34 1.75 -16.85
CA GLN B 73 -8.06 2.16 -17.49
C GLN B 73 -7.63 3.59 -17.16
N ILE B 74 -8.57 4.51 -17.21
CA ILE B 74 -8.32 5.90 -16.88
C ILE B 74 -8.07 6.12 -15.39
N ALA B 75 -8.73 5.35 -14.55
CA ALA B 75 -8.59 5.46 -13.11
C ALA B 75 -7.23 4.99 -12.62
N LEU B 76 -6.76 3.87 -13.18
CA LEU B 76 -5.40 3.36 -12.97
C LEU B 76 -4.32 4.36 -13.37
N LEU B 77 -4.63 5.08 -14.44
CA LEU B 77 -3.75 6.03 -15.06
C LEU B 77 -3.65 7.34 -14.30
N LYS B 78 -4.79 8.00 -14.11
CA LYS B 78 -4.84 9.24 -13.32
C LYS B 78 -4.26 8.97 -11.92
N GLY B 79 -4.49 7.76 -11.40
CA GLY B 79 -4.07 7.41 -10.04
C GLY B 79 -2.58 7.25 -9.92
N SER B 80 -2.04 6.42 -10.80
CA SER B 80 -0.59 6.21 -10.93
C SER B 80 0.20 7.47 -11.26
N ALA B 81 -0.45 8.44 -11.91
CA ALA B 81 0.18 9.72 -12.31
C ALA B 81 1.37 10.21 -11.48
N VAL B 82 1.23 10.36 -10.17
CA VAL B 82 2.28 11.03 -9.38
C VAL B 82 3.31 10.04 -8.85
N GLU B 83 2.93 8.82 -8.57
CA GLU B 83 3.93 7.84 -8.14
C GLU B 83 4.89 7.51 -9.26
N ALA B 84 4.36 7.37 -10.46
CA ALA B 84 5.17 7.09 -11.63
C ALA B 84 6.16 8.20 -11.90
N MET B 85 5.66 9.44 -11.92
CA MET B 85 6.52 10.61 -12.17
C MET B 85 7.66 10.74 -11.16
N PHE B 86 7.50 10.21 -9.95
CA PHE B 86 8.61 10.20 -8.99
C PHE B 86 9.65 9.20 -9.43
N LEU B 87 9.21 8.01 -9.81
CA LEU B 87 10.09 6.93 -10.24
C LEU B 87 10.87 7.23 -11.52
N ARG B 88 10.23 7.90 -12.48
CA ARG B 88 10.85 8.24 -13.77
C ARG B 88 11.90 9.35 -13.63
N SER B 89 11.59 10.38 -12.86
CA SER B 89 12.56 11.43 -12.52
C SER B 89 13.84 10.87 -11.86
N ALA B 90 13.69 9.99 -10.88
CA ALA B 90 14.83 9.41 -10.17
C ALA B 90 15.71 8.57 -11.09
N GLU B 91 15.12 7.70 -11.89
CA GLU B 91 15.86 6.91 -12.89
C GLU B 91 16.74 7.78 -13.83
N ILE B 92 16.34 9.05 -13.98
CA ILE B 92 16.99 10.02 -14.84
C ILE B 92 17.91 10.97 -14.05
N PHE B 93 17.31 11.80 -13.20
CA PHE B 93 18.05 12.82 -12.46
C PHE B 93 18.81 12.33 -11.21
N ASN B 94 18.90 10.99 -11.02
CA ASN B 94 19.95 10.34 -10.18
C ASN B 94 20.78 9.37 -11.05
N LYS B 95 20.99 9.77 -12.30
CA LYS B 95 21.86 9.09 -13.27
C LYS B 95 22.66 10.15 -14.01
N LYS B 96 21.98 11.00 -14.77
CA LYS B 96 22.63 12.11 -15.50
C LYS B 96 22.78 13.41 -14.65
N LEU B 97 23.08 13.26 -13.36
CA LEU B 97 23.79 14.29 -12.57
C LEU B 97 24.66 13.59 -11.45
N PRO B 98 24.08 13.18 -10.27
CA PRO B 98 24.81 12.08 -9.60
C PRO B 98 24.63 10.74 -10.30
N LEU B 105 17.91 17.43 -5.77
CA LEU B 105 19.03 18.17 -6.36
C LEU B 105 18.63 18.85 -7.68
N GLU B 106 18.62 20.18 -7.76
CA GLU B 106 19.06 21.11 -6.73
C GLU B 106 17.80 21.77 -6.28
N GLU B 107 16.83 20.93 -5.89
CA GLU B 107 15.40 21.27 -5.86
C GLU B 107 15.04 22.06 -7.13
N ARG B 108 15.34 23.37 -7.12
CA ARG B 108 14.97 24.32 -8.16
C ARG B 108 13.53 24.80 -7.96
N ILE B 109 12.69 23.98 -7.31
CA ILE B 109 11.22 24.08 -7.39
C ILE B 109 10.61 25.10 -6.44
N ARG B 110 11.42 25.65 -5.52
CA ARG B 110 11.03 26.91 -4.90
C ARG B 110 10.62 27.82 -6.07
N ASN B 111 11.33 27.69 -7.20
CA ASN B 111 10.85 28.07 -8.55
C ASN B 111 9.77 29.11 -8.56
N SER B 112 8.55 28.62 -8.31
CA SER B 112 7.32 29.24 -8.76
C SER B 112 6.33 29.38 -7.61
N GLY B 113 6.86 29.70 -6.43
CA GLY B 113 6.09 30.09 -5.26
C GLY B 113 5.19 29.03 -4.67
N ILE B 114 5.54 27.76 -4.87
CA ILE B 114 4.82 26.68 -4.21
C ILE B 114 5.14 26.89 -2.75
N SER B 115 4.10 26.83 -1.91
CA SER B 115 4.31 26.98 -0.47
C SER B 115 5.42 26.03 -0.05
N ASP B 116 6.49 26.57 0.53
CA ASP B 116 7.63 25.75 0.98
C ASP B 116 7.18 24.65 1.96
N GLU B 117 5.98 24.82 2.52
CA GLU B 117 5.19 23.73 3.12
C GLU B 117 5.30 22.44 2.33
N TYR B 118 4.91 22.49 1.05
CA TYR B 118 4.83 21.31 0.18
C TYR B 118 6.19 20.79 -0.33
N ILE B 119 7.13 21.71 -0.59
CA ILE B 119 8.40 21.37 -1.26
C ILE B 119 9.27 20.48 -0.38
N THR B 120 9.78 21.02 0.72
CA THR B 120 10.67 20.25 1.62
C THR B 120 10.23 18.78 1.92
N PRO B 121 8.91 18.51 2.18
CA PRO B 121 8.47 17.11 2.41
C PRO B 121 8.40 16.26 1.15
N MET B 122 8.10 16.85 -0.01
CA MET B 122 8.06 16.08 -1.26
C MET B 122 9.45 15.70 -1.80
N PHE B 123 10.50 16.42 -1.40
CA PHE B 123 11.87 15.96 -1.67
C PHE B 123 12.36 14.93 -0.65
N SER B 124 11.66 14.74 0.47
CA SER B 124 11.96 13.64 1.41
C SER B 124 11.82 12.34 0.64
N PHE B 125 10.66 12.18 0.00
CA PHE B 125 10.33 10.99 -0.76
C PHE B 125 11.27 10.87 -1.94
N TYR B 126 11.51 12.01 -2.61
CA TYR B 126 12.44 12.03 -3.73
C TYR B 126 13.80 11.47 -3.34
N LYS B 127 14.38 11.99 -2.27
CA LYS B 127 15.64 11.43 -1.73
C LYS B 127 15.44 9.96 -1.31
N SER B 128 14.38 9.73 -0.53
CA SER B 128 13.97 8.39 -0.09
C SER B 128 13.95 7.35 -1.19
N ILE B 129 13.73 7.77 -2.46
CA ILE B 129 13.66 6.85 -3.63
C ILE B 129 15.03 6.62 -4.32
N GLY B 130 15.87 7.65 -4.38
CA GLY B 130 17.27 7.48 -4.84
C GLY B 130 17.98 6.46 -3.96
N GLU B 131 17.83 6.67 -2.65
CA GLU B 131 18.41 5.84 -1.60
C GLU B 131 18.23 4.33 -1.82
N LEU B 132 17.19 3.94 -2.57
CA LEU B 132 16.88 2.54 -2.81
C LEU B 132 17.80 1.87 -3.80
N LYS B 133 18.64 2.62 -4.51
CA LYS B 133 19.67 2.02 -5.38
C LYS B 133 19.01 1.13 -6.43
N MET B 134 18.00 1.67 -7.13
CA MET B 134 17.17 0.80 -7.95
C MET B 134 17.79 0.49 -9.30
N THR B 135 17.81 -0.80 -9.64
CA THR B 135 18.13 -1.23 -10.99
C THR B 135 17.03 -0.75 -11.96
N GLN B 136 17.35 -0.69 -13.26
CA GLN B 136 16.38 -0.27 -14.28
C GLN B 136 15.17 -1.17 -14.31
N GLU B 137 15.39 -2.45 -14.07
CA GLU B 137 14.33 -3.43 -14.15
C GLU B 137 13.43 -3.26 -12.93
N GLU B 138 14.05 -2.93 -11.80
CA GLU B 138 13.32 -2.62 -10.59
C GLU B 138 12.40 -1.43 -10.86
N TYR B 139 12.90 -0.34 -11.41
CA TYR B 139 12.04 0.80 -11.81
C TYR B 139 10.87 0.43 -12.75
N ALA B 140 11.13 -0.46 -13.72
CA ALA B 140 10.14 -0.78 -14.78
C ALA B 140 9.04 -1.64 -14.24
N LEU B 141 9.46 -2.70 -13.57
CA LEU B 141 8.51 -3.60 -12.91
C LEU B 141 7.74 -2.88 -11.80
N LEU B 142 8.45 -2.18 -10.92
CA LEU B 142 7.82 -1.36 -9.91
C LEU B 142 6.82 -0.34 -10.52
N THR B 143 7.20 0.34 -11.60
CA THR B 143 6.30 1.24 -12.33
C THR B 143 5.04 0.53 -12.79
N ALA B 144 5.22 -0.65 -13.38
CA ALA B 144 4.08 -1.47 -13.81
C ALA B 144 3.13 -1.80 -12.65
N ILE B 145 3.70 -2.29 -11.55
CA ILE B 145 2.96 -2.67 -10.33
C ILE B 145 2.19 -1.50 -9.69
N VAL B 146 2.78 -0.31 -9.74
CA VAL B 146 2.08 0.94 -9.44
C VAL B 146 0.89 1.28 -10.36
N ILE B 147 1.04 1.10 -11.67
CA ILE B 147 0.00 1.48 -12.61
C ILE B 147 -1.16 0.52 -12.51
N LEU B 148 -0.84 -0.76 -12.43
CA LEU B 148 -1.82 -1.82 -12.18
C LEU B 148 -2.04 -2.11 -10.68
N SER B 149 -2.32 -1.06 -9.89
CA SER B 149 -2.68 -1.19 -8.51
C SER B 149 -4.18 -1.28 -8.44
N PRO B 150 -4.71 -2.43 -8.00
CA PRO B 150 -6.15 -2.62 -7.93
C PRO B 150 -6.80 -1.74 -6.88
N ASP B 151 -6.08 -1.40 -5.82
CA ASP B 151 -6.63 -0.60 -4.74
C ASP B 151 -6.89 0.86 -5.14
N ARG B 152 -7.07 1.17 -6.43
CA ARG B 152 -7.17 2.58 -6.88
C ARG B 152 -8.54 3.08 -6.65
N GLN B 153 -8.69 4.40 -6.75
CA GLN B 153 -9.88 5.06 -6.28
C GLN B 153 -11.19 4.75 -6.97
N TYR B 154 -11.26 4.68 -8.30
CA TYR B 154 -12.59 4.38 -8.92
C TYR B 154 -12.69 3.10 -9.73
N ILE B 155 -11.90 2.11 -9.34
CA ILE B 155 -11.94 0.84 -10.03
C ILE B 155 -13.23 0.16 -9.60
N LYS B 156 -13.85 -0.49 -10.57
CA LYS B 156 -15.05 -1.24 -10.36
C LYS B 156 -14.55 -2.66 -10.21
N ASP B 157 -13.91 -3.23 -11.25
CA ASP B 157 -13.43 -4.63 -11.21
C ASP B 157 -12.02 -4.70 -10.62
N ARG B 158 -11.99 -4.88 -9.31
CA ARG B 158 -10.77 -4.86 -8.54
C ARG B 158 -10.02 -6.16 -8.67
N GLU B 159 -10.65 -7.22 -9.19
CA GLU B 159 -9.91 -8.42 -9.59
C GLU B 159 -9.20 -7.99 -10.86
N ALA B 160 -9.22 -8.76 -11.95
CA ALA B 160 -8.89 -8.21 -13.30
C ALA B 160 -7.58 -7.42 -13.39
N VAL B 161 -7.56 -6.25 -12.74
CA VAL B 161 -6.33 -5.51 -12.45
C VAL B 161 -5.42 -6.38 -11.56
N GLU B 162 -5.99 -6.89 -10.45
CA GLU B 162 -5.33 -7.81 -9.51
C GLU B 162 -4.62 -8.94 -10.28
N LYS B 163 -5.35 -9.57 -11.21
CA LYS B 163 -4.79 -10.69 -12.05
C LYS B 163 -3.61 -10.30 -12.97
N LEU B 164 -3.61 -9.06 -13.44
CA LEU B 164 -2.50 -8.52 -14.24
C LEU B 164 -1.23 -8.12 -13.45
N GLN B 165 -1.37 -7.86 -12.16
CA GLN B 165 -0.28 -7.34 -11.32
C GLN B 165 0.43 -8.43 -10.59
N GLU B 166 -0.19 -9.62 -10.42
CA GLU B 166 0.50 -10.75 -9.78
C GLU B 166 1.77 -11.13 -10.51
N PRO B 167 1.68 -11.39 -11.83
CA PRO B 167 2.87 -11.80 -12.57
C PRO B 167 4.03 -10.87 -12.32
N LEU B 168 3.76 -9.58 -12.47
CA LEU B 168 4.78 -8.55 -12.40
C LEU B 168 5.41 -8.54 -11.03
N LEU B 169 4.57 -8.61 -10.01
CA LEU B 169 4.99 -8.65 -8.60
C LEU B 169 5.89 -9.85 -8.30
N ASP B 170 5.39 -11.03 -8.67
CA ASP B 170 6.06 -12.31 -8.42
C ASP B 170 7.40 -12.44 -9.15
N VAL B 171 7.59 -11.69 -10.24
CA VAL B 171 8.87 -11.60 -10.99
C VAL B 171 9.80 -10.55 -10.38
N LEU B 172 9.26 -9.44 -9.90
CA LEU B 172 10.06 -8.48 -9.16
C LEU B 172 10.58 -9.07 -7.87
N GLN B 173 9.79 -9.97 -7.28
CA GLN B 173 10.15 -10.62 -6.02
C GLN B 173 11.44 -11.37 -6.28
N LYS B 174 11.43 -12.22 -7.32
CA LYS B 174 12.60 -13.05 -7.66
C LYS B 174 13.83 -12.22 -7.99
N LEU B 175 13.69 -11.12 -8.75
CA LEU B 175 14.88 -10.31 -9.06
C LEU B 175 15.31 -9.29 -7.97
N CYS B 176 14.81 -9.47 -6.74
CA CYS B 176 15.39 -8.86 -5.55
C CYS B 176 16.11 -9.88 -4.66
N LYS B 177 15.99 -11.18 -4.95
CA LYS B 177 16.94 -12.23 -4.47
C LYS B 177 17.96 -12.66 -5.55
N ILE B 178 17.79 -12.20 -6.79
CA ILE B 178 18.85 -12.19 -7.81
C ILE B 178 19.74 -10.97 -7.50
N HIS B 179 19.32 -9.77 -7.92
CA HIS B 179 20.03 -8.54 -7.57
C HIS B 179 19.86 -8.30 -6.06
N GLN B 180 20.91 -7.86 -5.39
CA GLN B 180 20.86 -7.59 -3.96
C GLN B 180 20.39 -8.80 -3.11
N PRO B 181 20.94 -10.02 -3.39
CA PRO B 181 20.54 -11.26 -2.68
C PRO B 181 20.90 -11.26 -1.17
N GLU B 182 22.11 -10.75 -0.89
CA GLU B 182 22.61 -10.31 0.42
C GLU B 182 21.60 -9.77 1.43
N ASN B 183 20.57 -9.07 0.93
CA ASN B 183 19.55 -8.43 1.74
C ASN B 183 18.19 -9.03 1.37
N PRO B 184 17.51 -9.68 2.33
CA PRO B 184 16.21 -10.25 2.02
C PRO B 184 15.06 -9.29 2.25
N GLN B 185 15.34 -8.04 2.63
CA GLN B 185 14.30 -7.05 2.93
C GLN B 185 14.27 -5.89 1.92
N HIS B 186 14.66 -6.19 0.68
CA HIS B 186 14.75 -5.17 -0.35
C HIS B 186 13.38 -4.95 -0.98
N PHE B 187 12.77 -6.06 -1.41
CA PHE B 187 11.40 -6.10 -1.95
C PHE B 187 10.38 -5.38 -1.10
N ALA B 188 10.33 -5.76 0.17
CA ALA B 188 9.64 -4.98 1.20
C ALA B 188 9.83 -3.42 1.18
N CYS B 189 11.07 -2.94 1.17
CA CYS B 189 11.27 -1.48 1.16
C CYS B 189 10.69 -0.82 -0.10
N LEU B 190 10.95 -1.42 -1.27
CA LEU B 190 10.44 -0.92 -2.55
C LEU B 190 8.97 -0.66 -2.44
N LEU B 191 8.24 -1.69 -2.06
CA LEU B 191 6.82 -1.59 -1.82
C LEU B 191 6.53 -0.58 -0.74
N GLY B 192 7.27 -0.71 0.36
CA GLY B 192 7.23 0.22 1.46
C GLY B 192 7.23 1.67 1.04
N ARG B 193 8.22 2.08 0.24
CA ARG B 193 8.40 3.50 -0.14
C ARG B 193 7.24 4.04 -0.97
N LEU B 194 6.71 3.20 -1.87
CA LEU B 194 5.52 3.56 -2.64
C LEU B 194 4.30 3.71 -1.78
N THR B 195 4.18 2.80 -0.81
CA THR B 195 3.11 2.83 0.14
C THR B 195 3.25 4.08 0.98
N GLU B 196 4.49 4.40 1.36
CA GLU B 196 4.79 5.64 2.05
C GLU B 196 4.48 6.87 1.18
N LEU B 197 4.74 6.81 -0.10
CA LEU B 197 4.50 7.92 -1.01
C LEU B 197 3.03 8.03 -1.46
N ARG B 198 2.29 6.90 -1.50
CA ARG B 198 0.85 6.88 -1.86
C ARG B 198 0.09 7.88 -0.99
N THR B 199 0.49 7.99 0.27
CA THR B 199 -0.15 8.90 1.27
C THR B 199 -0.15 10.37 0.82
N PHE B 200 0.95 10.80 0.22
CA PHE B 200 1.12 12.19 -0.24
C PHE B 200 0.13 12.60 -1.33
N ASN B 201 -0.43 11.64 -2.08
CA ASN B 201 -1.34 11.93 -3.21
C ASN B 201 -2.28 13.12 -2.97
N HIS B 202 -2.97 13.21 -1.83
CA HIS B 202 -3.88 14.36 -1.63
C HIS B 202 -3.11 15.67 -1.41
N HIS B 203 -2.04 15.63 -0.62
CA HIS B 203 -1.19 16.81 -0.42
C HIS B 203 -0.72 17.34 -1.77
N HIS B 204 -0.25 16.42 -2.61
CA HIS B 204 0.13 16.72 -3.98
C HIS B 204 -1.02 17.36 -4.73
N ALA B 205 -2.20 16.77 -4.64
CA ALA B 205 -3.35 17.24 -5.39
C ALA B 205 -3.80 18.66 -5.00
N GLU B 206 -3.75 18.99 -3.71
CA GLU B 206 -4.17 20.31 -3.28
C GLU B 206 -3.03 21.32 -3.47
N MET B 207 -1.77 20.86 -3.41
CA MET B 207 -0.61 21.66 -3.90
C MET B 207 -0.82 22.19 -5.35
N LEU B 208 -1.34 21.33 -6.23
CA LEU B 208 -1.66 21.73 -7.60
C LEU B 208 -2.78 22.75 -7.69
N MET B 209 -3.81 22.66 -6.84
CA MET B 209 -4.86 23.70 -6.75
C MET B 209 -4.33 24.92 -6.02
N SER B 210 -3.27 24.74 -5.24
CA SER B 210 -2.49 25.86 -4.67
C SER B 210 -1.73 26.65 -5.71
N TRP B 211 -1.22 26.01 -6.76
CA TRP B 211 -0.56 26.72 -7.86
C TRP B 211 -1.58 27.43 -8.79
N ARG B 212 -2.66 26.74 -9.15
CA ARG B 212 -3.57 27.23 -10.19
C ARG B 212 -4.59 28.30 -9.74
N VAL B 213 -4.32 29.03 -8.65
CA VAL B 213 -5.24 30.07 -8.14
C VAL B 213 -4.89 31.40 -8.80
N ASN B 214 -3.62 31.76 -8.65
CA ASN B 214 -3.06 32.98 -9.24
C ASN B 214 -2.49 32.54 -10.58
N ASP B 215 -1.97 33.52 -11.33
CA ASP B 215 -1.09 33.26 -12.45
C ASP B 215 -1.87 32.63 -13.62
N HIS B 216 -1.55 31.37 -13.97
CA HIS B 216 -1.86 30.82 -15.29
C HIS B 216 -2.18 29.33 -15.16
N LYS B 217 -2.33 28.65 -16.31
CA LYS B 217 -2.97 27.36 -16.40
C LYS B 217 -2.02 26.17 -16.48
N PHE B 218 -2.63 24.98 -16.48
CA PHE B 218 -1.97 23.77 -16.92
C PHE B 218 -2.37 23.53 -18.35
N THR B 219 -1.55 22.76 -19.08
CA THR B 219 -1.87 22.39 -20.46
C THR B 219 -3.01 21.41 -20.41
N PRO B 220 -3.93 21.48 -21.37
CA PRO B 220 -5.10 20.61 -21.24
C PRO B 220 -4.81 19.12 -20.95
N LEU B 221 -3.63 18.61 -21.33
CA LEU B 221 -3.15 17.26 -20.94
C LEU B 221 -2.89 17.08 -19.45
N LEU B 222 -2.22 18.06 -18.83
CA LEU B 222 -1.91 17.98 -17.40
C LEU B 222 -3.12 18.20 -16.50
N CYS B 223 -4.13 18.90 -17.01
CA CYS B 223 -5.45 18.97 -16.35
C CYS B 223 -6.15 17.65 -16.29
N GLU B 224 -5.79 16.72 -17.16
CA GLU B 224 -6.46 15.44 -17.16
C GLU B 224 -5.88 14.43 -16.16
N ILE B 225 -4.56 14.24 -16.13
CA ILE B 225 -4.00 13.28 -15.18
C ILE B 225 -4.14 13.78 -13.73
N TRP B 226 -4.18 15.10 -13.56
CA TRP B 226 -4.29 15.67 -12.23
C TRP B 226 -5.72 16.03 -11.85
N ASP B 227 -6.64 15.92 -12.81
CA ASP B 227 -8.07 16.09 -12.57
C ASP B 227 -8.41 17.55 -12.21
N VAL B 228 -7.95 18.47 -13.05
CA VAL B 228 -7.90 19.91 -12.76
C VAL B 228 -8.65 20.64 -13.88
N GLU C 1 -24.61 -10.47 6.92
CA GLU C 1 -25.50 -9.37 7.41
C GLU C 1 -24.81 -8.14 8.04
N ASN C 2 -23.56 -8.34 8.49
CA ASN C 2 -22.78 -7.43 9.36
C ASN C 2 -23.44 -6.92 10.67
N ALA C 3 -24.55 -7.52 11.10
CA ALA C 3 -25.35 -7.00 12.22
C ALA C 3 -24.68 -7.19 13.59
N LEU C 4 -24.03 -8.34 13.80
CA LEU C 4 -23.25 -8.56 15.02
C LEU C 4 -22.15 -7.52 15.14
N LEU C 5 -21.47 -7.24 14.02
CA LEU C 5 -20.44 -6.18 13.96
C LEU C 5 -20.97 -4.80 14.34
N ARG C 6 -22.18 -4.50 13.85
CA ARG C 6 -22.91 -3.25 14.11
C ARG C 6 -23.20 -3.13 15.62
N TYR C 7 -23.71 -4.22 16.21
CA TYR C 7 -23.96 -4.21 17.66
C TYR C 7 -22.67 -3.97 18.38
N LEU C 8 -21.63 -4.70 17.98
CA LEU C 8 -20.36 -4.59 18.65
C LEU C 8 -19.69 -3.21 18.58
N LEU C 9 -20.10 -2.40 17.62
CA LEU C 9 -19.49 -1.10 17.46
C LEU C 9 -20.19 -0.07 18.27
N ASP C 10 -21.51 -0.10 18.25
CA ASP C 10 -22.30 0.96 18.89
C ASP C 10 -22.60 0.67 20.39
N LYS C 11 -22.61 -0.60 20.77
CA LYS C 11 -22.52 -1.03 22.16
C LYS C 11 -21.72 -0.09 23.03
N ASP C 12 -22.23 0.18 24.23
CA ASP C 12 -21.51 1.03 25.18
C ASP C 12 -20.70 0.13 26.06
N ASN D 2 -11.15 13.69 -18.87
CA ASN D 2 -10.62 12.49 -19.60
C ASN D 2 -11.06 12.59 -21.07
N ALA D 3 -10.10 12.63 -21.99
CA ALA D 3 -10.34 12.88 -23.43
C ALA D 3 -9.08 12.72 -24.29
N LEU D 4 -8.04 13.54 -24.05
CA LEU D 4 -6.66 13.30 -24.54
C LEU D 4 -6.15 11.94 -24.10
N LEU D 5 -6.13 11.73 -22.79
CA LEU D 5 -5.88 10.43 -22.17
C LEU D 5 -6.60 9.34 -22.94
N ARG D 6 -7.90 9.49 -23.13
CA ARG D 6 -8.69 8.50 -23.84
C ARG D 6 -8.18 8.32 -25.30
N TYR D 7 -7.81 9.42 -25.98
CA TYR D 7 -7.20 9.34 -27.34
C TYR D 7 -5.86 8.61 -27.39
N LEU D 8 -5.00 8.84 -26.40
CA LEU D 8 -3.65 8.25 -26.35
C LEU D 8 -3.65 6.79 -25.99
N LEU D 9 -4.70 6.34 -25.29
CA LEU D 9 -4.88 4.92 -24.98
C LEU D 9 -5.27 4.07 -26.22
N ASP D 10 -6.11 4.63 -27.08
CA ASP D 10 -6.73 3.89 -28.22
C ASP D 10 -5.95 4.03 -29.54
N LYS D 11 -5.46 5.23 -29.81
CA LYS D 11 -4.42 5.49 -30.81
C LYS D 11 -3.85 4.24 -31.55
N ASP D 12 -4.22 4.11 -32.83
CA ASP D 12 -3.98 2.87 -33.63
C ASP D 12 -2.60 2.89 -34.30
#